data_4L7A
#
_entry.id   4L7A
#
_cell.length_a   39.096
_cell.length_b   116.117
_cell.length_c   135.823
_cell.angle_alpha   90.000
_cell.angle_beta   90.000
_cell.angle_gamma   90.000
#
_symmetry.space_group_name_H-M   'P 21 21 21'
#
loop_
_entity.id
_entity.type
_entity.pdbx_description
1 polymer 'Uncharacterized protein'
2 water water
#
_entity_poly.entity_id   1
_entity_poly.type   'polypeptide(L)'
_entity_poly.pdbx_seq_one_letter_code
;GCQDDDLEDQSIFDASEKEKSEFDRWLLENYVNPYNIDFKYR(MSE)EHIESDYTHNLVPTDFWLSVKLAKIVKHCWLEA
YDEVGGLDFTRACAPKVIHLIGSASWDKGTYTLGTAEGGLKVTLY(MSE)GNWLDLTNVDR(MSE)NEYYFKV(MSE)HH
EFAHILHQKKNYPVDYDKISAGNYTPTGWQNRKLAEVAPLGFVTPYAGSKPSEDIAEVTACFLTYPEAQWENV(MSE)TL
AGEKGKPIIDQKLA(MSE)VKKY(MSE)KDSWQVDLDLLRKVIARRTNEISELDLDHIY
;
_entity_poly.pdbx_strand_id   A,B
#
# COMPACT_ATOMS: atom_id res chain seq x y z
N SER A 11 -13.09 -26.35 0.97
CA SER A 11 -13.56 -25.31 1.95
C SER A 11 -14.94 -24.71 1.56
N ILE A 12 -15.77 -24.39 2.57
CA ILE A 12 -17.07 -23.75 2.38
C ILE A 12 -16.95 -22.26 2.00
N PHE A 13 -15.77 -21.83 1.49
CA PHE A 13 -15.50 -20.41 1.14
C PHE A 13 -15.31 -20.15 -0.39
N ASP A 14 -15.11 -21.23 -1.18
CA ASP A 14 -14.93 -21.13 -2.67
C ASP A 14 -16.31 -21.03 -3.33
N ALA A 15 -16.40 -20.17 -4.33
CA ALA A 15 -17.65 -19.99 -5.00
C ALA A 15 -17.71 -20.84 -6.26
N SER A 16 -18.91 -21.30 -6.60
CA SER A 16 -19.15 -22.02 -7.88
C SER A 16 -19.32 -21.02 -9.00
N GLU A 17 -19.29 -21.47 -10.25
CA GLU A 17 -19.56 -20.56 -11.38
C GLU A 17 -20.97 -19.98 -11.32
N LYS A 18 -21.92 -20.77 -10.86
CA LYS A 18 -23.32 -20.32 -10.74
C LYS A 18 -23.47 -19.17 -9.74
N GLU A 19 -22.79 -19.30 -8.60
CA GLU A 19 -22.78 -18.26 -7.56
C GLU A 19 -22.13 -16.98 -8.08
N LYS A 20 -21.01 -17.10 -8.80
CA LYS A 20 -20.35 -15.94 -9.39
C LYS A 20 -21.18 -15.27 -10.45
N SER A 21 -21.90 -16.04 -11.28
CA SER A 21 -22.78 -15.44 -12.27
C SER A 21 -23.96 -14.77 -11.57
N GLU A 22 -24.42 -15.34 -10.46
CA GLU A 22 -25.54 -14.71 -9.69
C GLU A 22 -25.08 -13.36 -9.10
N PHE A 23 -23.87 -13.31 -8.57
CA PHE A 23 -23.30 -12.05 -8.09
C PHE A 23 -23.11 -11.04 -9.25
N ASP A 24 -22.63 -11.51 -10.41
CA ASP A 24 -22.47 -10.60 -11.55
C ASP A 24 -23.80 -9.99 -11.88
N ARG A 25 -24.83 -10.82 -11.89
CA ARG A 25 -26.19 -10.34 -12.18
CA ARG A 25 -26.19 -10.36 -12.14
C ARG A 25 -26.59 -9.28 -11.14
N TRP A 26 -26.36 -9.57 -9.86
CA TRP A 26 -26.71 -8.64 -8.80
C TRP A 26 -25.95 -7.31 -8.96
N LEU A 27 -24.68 -7.37 -9.36
CA LEU A 27 -23.87 -6.17 -9.53
C LEU A 27 -24.39 -5.36 -10.74
N LEU A 28 -24.75 -6.04 -11.81
CA LEU A 28 -25.33 -5.34 -12.96
C LEU A 28 -26.53 -4.50 -12.49
N GLU A 29 -27.38 -5.13 -11.68
CA GLU A 29 -28.64 -4.53 -11.28
CA GLU A 29 -28.64 -4.55 -11.24
C GLU A 29 -28.48 -3.48 -10.17
N ASN A 30 -27.51 -3.64 -9.30
CA ASN A 30 -27.40 -2.74 -8.18
C ASN A 30 -26.30 -1.64 -8.27
N TYR A 31 -25.33 -1.79 -9.16
CA TYR A 31 -24.23 -0.86 -9.29
C TYR A 31 -24.20 -0.28 -10.70
N VAL A 32 -24.20 -1.13 -11.70
CA VAL A 32 -24.08 -0.71 -13.11
C VAL A 32 -25.31 0.04 -13.54
N ASN A 33 -26.47 -0.57 -13.40
CA ASN A 33 -27.66 0.10 -13.91
C ASN A 33 -28.04 1.40 -13.21
N PRO A 34 -28.07 1.45 -11.86
CA PRO A 34 -28.47 2.72 -11.25
C PRO A 34 -27.37 3.79 -11.26
N TYR A 35 -26.10 3.39 -11.19
CA TYR A 35 -25.01 4.36 -10.94
C TYR A 35 -23.88 4.38 -11.94
N ASN A 36 -23.90 3.47 -12.91
CA ASN A 36 -22.80 3.32 -13.88
CA ASN A 36 -22.82 3.32 -13.87
C ASN A 36 -21.46 3.07 -13.19
N ILE A 37 -21.46 2.23 -12.16
CA ILE A 37 -20.24 1.87 -11.46
C ILE A 37 -19.90 0.43 -11.81
N ASP A 38 -18.66 0.21 -12.19
CA ASP A 38 -18.22 -1.14 -12.46
C ASP A 38 -17.58 -1.64 -11.19
N PHE A 39 -18.22 -2.57 -10.51
CA PHE A 39 -17.68 -3.17 -9.28
C PHE A 39 -17.02 -4.51 -9.57
N LYS A 40 -15.71 -4.62 -9.40
CA LYS A 40 -14.99 -5.83 -9.79
C LYS A 40 -14.46 -6.61 -8.59
N TYR A 41 -14.74 -7.90 -8.57
CA TYR A 41 -14.22 -8.78 -7.54
C TYR A 41 -13.40 -9.90 -8.10
N ARG A 42 -13.60 -10.23 -9.37
CA ARG A 42 -12.90 -11.35 -9.97
C ARG A 42 -11.44 -10.95 -10.17
N MSE A 43 -10.54 -11.77 -9.67
CA MSE A 43 -9.11 -11.49 -9.76
C MSE A 43 -8.54 -11.46 -11.18
O MSE A 43 -7.65 -10.67 -11.50
CB MSE A 43 -8.35 -12.53 -8.94
CG MSE A 43 -8.64 -12.42 -7.45
SE MSE A 43 -7.97 -13.96 -6.45
CE MSE A 43 -9.58 -15.14 -6.52
N GLU A 44 -9.08 -12.34 -12.02
CA GLU A 44 -8.74 -12.38 -13.43
C GLU A 44 -9.02 -11.09 -14.18
N HIS A 45 -9.95 -10.25 -13.71
CA HIS A 45 -10.27 -8.94 -14.37
C HIS A 45 -9.62 -7.72 -13.75
N ILE A 46 -8.82 -7.94 -12.72
CA ILE A 46 -8.16 -6.84 -12.01
C ILE A 46 -6.67 -6.89 -12.30
N GLU A 47 -6.14 -5.73 -12.65
CA GLU A 47 -4.74 -5.62 -12.93
C GLU A 47 -4.17 -4.52 -12.03
N SER A 48 -3.24 -4.89 -11.14
CA SER A 48 -2.49 -3.92 -10.35
C SER A 48 -1.20 -4.44 -9.79
N ASP A 49 -0.45 -3.50 -9.23
CA ASP A 49 0.72 -3.83 -8.47
C ASP A 49 0.27 -4.55 -7.20
N TYR A 50 1.16 -5.32 -6.60
CA TYR A 50 0.79 -6.14 -5.47
C TYR A 50 1.95 -6.14 -4.45
N THR A 51 1.71 -6.71 -3.26
CA THR A 51 2.74 -6.93 -2.28
C THR A 51 2.70 -8.39 -1.84
N HIS A 52 3.55 -8.79 -0.89
CA HIS A 52 3.47 -10.15 -0.33
C HIS A 52 2.23 -10.37 0.54
N ASN A 53 1.53 -9.29 0.85
CA ASN A 53 0.23 -9.38 1.44
C ASN A 53 -0.93 -9.86 0.59
N LEU A 54 -0.75 -9.98 -0.72
CA LEU A 54 -1.82 -10.42 -1.58
C LEU A 54 -2.26 -11.86 -1.20
N VAL A 55 -3.56 -12.05 -1.08
CA VAL A 55 -4.22 -13.37 -0.89
C VAL A 55 -5.44 -13.43 -1.84
N PRO A 56 -5.95 -14.63 -2.12
CA PRO A 56 -7.12 -14.70 -2.95
C PRO A 56 -8.28 -13.86 -2.38
N THR A 57 -9.03 -13.26 -3.27
CA THR A 57 -10.16 -12.43 -2.89
C THR A 57 -11.28 -13.34 -2.42
N ASP A 58 -11.72 -13.18 -1.17
CA ASP A 58 -12.77 -14.02 -0.57
C ASP A 58 -14.13 -13.66 -1.17
N PHE A 59 -14.80 -14.63 -1.79
CA PHE A 59 -16.03 -14.35 -2.50
C PHE A 59 -17.21 -13.87 -1.61
N TRP A 60 -17.56 -14.62 -0.58
CA TRP A 60 -18.69 -14.24 0.24
C TRP A 60 -18.41 -12.95 1.06
N LEU A 61 -17.16 -12.69 1.35
CA LEU A 61 -16.85 -11.39 1.89
C LEU A 61 -17.02 -10.23 0.84
N SER A 62 -16.73 -10.51 -0.44
CA SER A 62 -16.96 -9.51 -1.50
C SER A 62 -18.44 -9.17 -1.60
N VAL A 63 -19.30 -10.16 -1.45
CA VAL A 63 -20.73 -9.96 -1.48
C VAL A 63 -21.18 -9.08 -0.32
N LYS A 64 -20.65 -9.35 0.88
CA LYS A 64 -21.01 -8.57 2.05
C LYS A 64 -20.61 -7.14 1.85
N LEU A 65 -19.39 -6.93 1.39
CA LEU A 65 -18.89 -5.56 1.17
C LEU A 65 -19.64 -4.81 0.08
N ALA A 66 -20.02 -5.48 -1.00
CA ALA A 66 -20.81 -4.82 -2.02
C ALA A 66 -22.12 -4.35 -1.46
N LYS A 67 -22.71 -5.09 -0.56
CA LYS A 67 -24.00 -4.69 0.03
C LYS A 67 -23.84 -3.61 1.12
N ILE A 68 -22.76 -3.69 1.88
CA ILE A 68 -22.49 -2.69 2.92
C ILE A 68 -22.19 -1.32 2.28
N VAL A 69 -21.35 -1.34 1.26
CA VAL A 69 -20.96 -0.12 0.54
C VAL A 69 -22.18 0.59 -0.09
N LYS A 70 -23.10 -0.19 -0.64
CA LYS A 70 -24.27 0.36 -1.26
C LYS A 70 -25.20 0.91 -0.22
N HIS A 71 -25.38 0.17 0.86
CA HIS A 71 -26.28 0.60 1.96
C HIS A 71 -25.82 1.86 2.70
N CYS A 72 -24.52 1.99 2.90
CA CYS A 72 -23.95 3.03 3.76
C CYS A 72 -23.43 4.29 3.06
N TRP A 73 -23.25 4.20 1.75
CA TRP A 73 -22.84 5.35 0.94
C TRP A 73 -23.87 5.60 -0.17
N LEU A 74 -24.00 4.65 -1.11
CA LEU A 74 -24.79 4.92 -2.32
C LEU A 74 -26.25 5.20 -1.99
N GLU A 75 -26.85 4.39 -1.12
CA GLU A 75 -28.21 4.63 -0.70
C GLU A 75 -28.39 5.83 0.23
N ALA A 76 -27.32 6.24 0.91
CA ALA A 76 -27.42 7.40 1.79
C ALA A 76 -27.47 8.69 1.00
N TYR A 77 -26.58 8.76 0.06
CA TYR A 77 -26.55 9.84 -0.90
C TYR A 77 -27.87 9.89 -1.67
N ASP A 78 -28.40 8.74 -2.09
CA ASP A 78 -29.68 8.72 -2.79
C ASP A 78 -30.77 9.28 -1.89
N GLU A 79 -30.84 8.80 -0.64
CA GLU A 79 -31.87 9.24 0.28
C GLU A 79 -31.89 10.76 0.49
N VAL A 80 -30.73 11.37 0.62
CA VAL A 80 -30.70 12.80 0.90
C VAL A 80 -30.59 13.68 -0.32
N GLY A 81 -29.80 13.30 -1.33
CA GLY A 81 -29.57 14.18 -2.49
C GLY A 81 -30.24 13.74 -3.79
N GLY A 82 -30.75 12.51 -3.85
CA GLY A 82 -31.33 12.01 -5.08
C GLY A 82 -30.27 11.32 -5.93
N LEU A 83 -30.74 10.56 -6.91
CA LEU A 83 -29.94 9.69 -7.72
C LEU A 83 -28.95 10.51 -8.53
N ASP A 84 -29.37 11.68 -8.97
CA ASP A 84 -28.50 12.53 -9.78
C ASP A 84 -27.29 13.02 -9.04
N PHE A 85 -27.49 13.34 -7.78
CA PHE A 85 -26.37 13.74 -6.91
C PHE A 85 -25.39 12.59 -6.75
N THR A 86 -25.94 11.43 -6.40
CA THR A 86 -25.09 10.24 -6.21
C THR A 86 -24.27 9.96 -7.42
N ARG A 87 -24.91 10.00 -8.58
CA ARG A 87 -24.21 9.75 -9.82
C ARG A 87 -23.16 10.80 -10.09
N ALA A 88 -23.38 12.03 -9.64
CA ALA A 88 -22.45 13.11 -9.98
C ALA A 88 -21.09 12.97 -9.31
N CYS A 89 -21.00 12.30 -8.17
CA CYS A 89 -19.73 12.12 -7.50
C CYS A 89 -19.28 10.66 -7.34
N ALA A 90 -19.78 9.77 -8.18
CA ALA A 90 -19.48 8.36 -8.06
C ALA A 90 -18.17 8.04 -8.72
N PRO A 91 -17.46 7.04 -8.20
CA PRO A 91 -16.31 6.63 -8.95
C PRO A 91 -16.80 5.88 -10.19
N LYS A 92 -15.93 5.66 -11.17
CA LYS A 92 -16.27 4.75 -12.30
C LYS A 92 -16.06 3.28 -12.01
N VAL A 93 -15.08 2.97 -11.16
CA VAL A 93 -14.71 1.58 -10.90
C VAL A 93 -14.34 1.38 -9.43
N ILE A 94 -14.83 0.29 -8.86
CA ILE A 94 -14.46 -0.17 -7.51
C ILE A 94 -13.85 -1.57 -7.69
N HIS A 95 -12.63 -1.81 -7.17
CA HIS A 95 -12.01 -3.15 -7.24
C HIS A 95 -11.88 -3.64 -5.84
N LEU A 96 -12.19 -4.88 -5.59
CA LEU A 96 -11.88 -5.51 -4.32
C LEU A 96 -10.70 -6.41 -4.55
N ILE A 97 -9.69 -6.31 -3.70
CA ILE A 97 -8.52 -7.16 -3.73
C ILE A 97 -8.29 -7.73 -2.38
N GLY A 98 -7.93 -9.00 -2.31
CA GLY A 98 -7.70 -9.63 -0.99
C GLY A 98 -6.35 -9.27 -0.37
N SER A 99 -6.36 -9.05 0.95
CA SER A 99 -5.15 -8.80 1.69
CA SER A 99 -5.12 -8.81 1.69
C SER A 99 -5.07 -9.59 3.00
N ALA A 100 -3.85 -10.01 3.33
CA ALA A 100 -3.57 -10.77 4.52
C ALA A 100 -3.84 -9.99 5.80
N SER A 101 -3.72 -8.66 5.76
CA SER A 101 -4.03 -7.81 6.90
CA SER A 101 -4.03 -7.81 6.90
C SER A 101 -4.31 -6.38 6.47
N TRP A 102 -4.61 -5.55 7.47
CA TRP A 102 -4.85 -4.13 7.30
C TRP A 102 -3.59 -3.30 7.36
N ASP A 103 -2.48 -3.92 7.78
CA ASP A 103 -1.22 -3.21 8.08
C ASP A 103 -0.50 -2.52 6.90
N LYS A 104 -0.70 -2.95 5.66
CA LYS A 104 -0.16 -2.23 4.49
C LYS A 104 -1.20 -1.27 3.89
N GLY A 105 -2.10 -0.69 4.68
CA GLY A 105 -3.18 0.14 4.08
C GLY A 105 -4.35 -0.63 3.50
N THR A 106 -5.50 0.03 3.37
CA THR A 106 -6.72 -0.66 3.01
C THR A 106 -7.36 -0.21 1.71
N TYR A 107 -6.74 0.71 0.99
CA TYR A 107 -7.27 1.24 -0.26
C TYR A 107 -6.13 1.77 -1.13
N THR A 108 -6.40 1.84 -2.43
CA THR A 108 -5.69 2.73 -3.32
C THR A 108 -6.66 3.43 -4.23
N LEU A 109 -6.14 4.48 -4.86
CA LEU A 109 -6.88 5.33 -5.77
C LEU A 109 -6.17 5.40 -7.09
N GLY A 110 -6.94 5.43 -8.15
CA GLY A 110 -6.39 5.63 -9.51
C GLY A 110 -7.45 6.20 -10.43
N THR A 111 -7.28 6.00 -11.72
CA THR A 111 -8.20 6.50 -12.72
C THR A 111 -8.68 5.32 -13.50
N ALA A 112 -9.88 5.45 -14.07
CA ALA A 112 -10.38 4.49 -15.08
C ALA A 112 -11.58 5.12 -15.83
N GLU A 113 -11.63 4.92 -17.16
CA GLU A 113 -12.72 5.44 -17.99
C GLU A 113 -13.01 6.92 -17.68
N GLY A 114 -11.95 7.71 -17.56
CA GLY A 114 -12.02 9.15 -17.35
C GLY A 114 -12.33 9.69 -15.97
N GLY A 115 -12.67 8.83 -15.00
CA GLY A 115 -12.91 9.30 -13.65
C GLY A 115 -12.15 8.46 -12.64
N LEU A 116 -12.74 8.29 -11.47
CA LEU A 116 -12.08 7.69 -10.33
C LEU A 116 -12.21 6.18 -10.24
N LYS A 117 -11.06 5.54 -9.95
CA LYS A 117 -11.03 4.16 -9.53
C LYS A 117 -10.66 4.06 -8.03
N VAL A 118 -11.44 3.30 -7.27
CA VAL A 118 -11.18 3.02 -5.83
C VAL A 118 -10.94 1.52 -5.70
N THR A 119 -9.86 1.14 -5.06
CA THR A 119 -9.56 -0.22 -4.78
C THR A 119 -9.61 -0.40 -3.29
N LEU A 120 -10.34 -1.41 -2.83
CA LEU A 120 -10.42 -1.70 -1.44
C LEU A 120 -9.75 -3.05 -1.20
N TYR A 121 -8.86 -3.08 -0.20
CA TYR A 121 -8.18 -4.26 0.22
C TYR A 121 -8.97 -4.80 1.41
N MSE A 122 -9.28 -6.09 1.34
CA MSE A 122 -10.12 -6.73 2.34
C MSE A 122 -9.72 -8.17 2.65
O MSE A 122 -9.03 -8.78 1.89
CB MSE A 122 -11.62 -6.72 1.92
CG MSE A 122 -11.90 -6.75 0.45
SE MSE A 122 -11.52 -8.41 -0.53
CE MSE A 122 -13.11 -9.45 -0.10
N GLY A 123 -10.24 -8.67 3.75
CA GLY A 123 -10.02 -10.05 4.19
C GLY A 123 -10.77 -10.25 5.49
N ASN A 124 -10.83 -11.46 5.98
CA ASN A 124 -11.75 -11.67 7.10
C ASN A 124 -11.13 -11.22 8.45
N TRP A 125 -9.97 -10.53 8.41
CA TRP A 125 -9.54 -9.68 9.52
C TRP A 125 -10.53 -8.51 9.79
N LEU A 126 -11.42 -8.24 8.83
CA LEU A 126 -12.41 -7.18 8.95
C LEU A 126 -13.51 -7.50 9.97
N ASP A 127 -13.87 -6.55 10.83
CA ASP A 127 -15.07 -6.66 11.61
C ASP A 127 -16.13 -5.72 10.98
N LEU A 128 -17.05 -6.30 10.23
CA LEU A 128 -17.90 -5.52 9.32
C LEU A 128 -18.92 -4.62 10.00
N THR A 129 -19.26 -4.97 11.23
CA THR A 129 -20.18 -4.19 12.00
C THR A 129 -19.45 -3.14 12.86
N ASN A 130 -18.11 -3.12 12.91
CA ASN A 130 -17.42 -2.09 13.68
C ASN A 130 -17.31 -0.81 12.88
N VAL A 131 -18.20 0.12 13.20
CA VAL A 131 -18.38 1.37 12.49
C VAL A 131 -17.09 2.17 12.46
N ASP A 132 -16.40 2.33 13.60
CA ASP A 132 -15.10 3.06 13.57
C ASP A 132 -14.08 2.45 12.63
N ARG A 133 -14.07 1.12 12.52
CA ARG A 133 -13.05 0.48 11.68
C ARG A 133 -13.38 0.59 10.18
N MSE A 134 -14.66 0.42 9.83
CA MSE A 134 -15.12 0.60 8.43
C MSE A 134 -14.89 2.02 7.95
O MSE A 134 -14.51 2.28 6.80
CB MSE A 134 -16.61 0.24 8.25
CG MSE A 134 -16.87 -1.20 8.63
SE MSE A 134 -15.96 -2.47 7.44
CE MSE A 134 -17.18 -2.32 5.95
N ASN A 135 -15.12 2.97 8.81
CA ASN A 135 -14.83 4.39 8.46
C ASN A 135 -13.32 4.60 8.35
N GLU A 136 -12.58 4.05 9.29
CA GLU A 136 -11.13 4.25 9.22
C GLU A 136 -10.55 3.62 7.93
N TYR A 137 -10.94 2.41 7.57
CA TYR A 137 -10.32 1.72 6.50
C TYR A 137 -10.79 2.19 5.12
N TYR A 138 -12.06 2.59 5.03
CA TYR A 138 -12.73 2.74 3.76
C TYR A 138 -13.58 3.97 3.61
N PHE A 139 -14.56 4.23 4.50
CA PHE A 139 -15.57 5.22 4.12
C PHE A 139 -15.07 6.65 4.23
N LYS A 140 -14.24 6.94 5.22
CA LYS A 140 -13.68 8.30 5.35
C LYS A 140 -13.00 8.76 4.04
N VAL A 141 -12.05 7.98 3.57
CA VAL A 141 -11.36 8.33 2.32
C VAL A 141 -12.31 8.39 1.12
N MSE A 142 -13.27 7.51 1.06
CA MSE A 142 -14.24 7.55 0.00
C MSE A 142 -15.03 8.86 -0.05
O MSE A 142 -15.07 9.50 -1.08
CB MSE A 142 -15.19 6.34 0.04
CG MSE A 142 -14.47 5.04 -0.35
SE MSE A 142 -15.49 3.44 0.12
CE MSE A 142 -16.46 3.31 -1.56
N HIS A 143 -15.66 9.24 1.07
CA HIS A 143 -16.38 10.50 1.12
C HIS A 143 -15.48 11.67 0.80
N HIS A 144 -14.23 11.57 1.16
CA HIS A 144 -13.28 12.64 0.86
C HIS A 144 -13.19 12.78 -0.68
N GLU A 145 -12.96 11.68 -1.37
CA GLU A 145 -12.81 11.67 -2.85
C GLU A 145 -14.07 12.05 -3.56
N PHE A 146 -15.23 11.62 -3.05
CA PHE A 146 -16.48 12.03 -3.66
C PHE A 146 -16.68 13.54 -3.53
N ALA A 147 -16.32 14.10 -2.39
CA ALA A 147 -16.42 15.49 -2.21
C ALA A 147 -15.54 16.24 -3.17
N HIS A 148 -14.32 15.76 -3.37
CA HIS A 148 -13.45 16.35 -4.32
C HIS A 148 -14.01 16.40 -5.79
N ILE A 149 -14.70 15.35 -6.23
CA ILE A 149 -15.39 15.33 -7.53
C ILE A 149 -16.49 16.38 -7.55
N LEU A 150 -17.22 16.50 -6.44
CA LEU A 150 -18.22 17.56 -6.40
C LEU A 150 -17.58 18.92 -6.63
N HIS A 151 -16.46 19.15 -5.95
CA HIS A 151 -15.74 20.44 -6.08
C HIS A 151 -15.23 20.73 -7.46
N GLN A 152 -14.80 19.71 -8.19
CA GLN A 152 -14.36 19.84 -9.58
C GLN A 152 -15.51 20.23 -10.49
N LYS A 153 -16.67 19.64 -10.28
CA LYS A 153 -17.83 19.95 -11.11
C LYS A 153 -18.46 21.28 -10.78
N LYS A 154 -18.58 21.60 -9.49
CA LYS A 154 -19.07 22.90 -9.05
C LYS A 154 -18.14 23.47 -7.99
N ASN A 155 -17.35 24.46 -8.39
CA ASN A 155 -16.31 24.96 -7.52
C ASN A 155 -16.85 25.49 -6.20
N TYR A 156 -16.12 25.24 -5.11
CA TYR A 156 -16.52 25.73 -3.80
C TYR A 156 -16.18 27.23 -3.72
N PRO A 157 -16.74 27.97 -2.71
CA PRO A 157 -16.41 29.42 -2.61
C PRO A 157 -14.95 29.73 -2.37
N VAL A 158 -14.42 30.65 -3.17
CA VAL A 158 -13.03 31.01 -3.09
C VAL A 158 -12.68 31.54 -1.72
N ASP A 159 -13.63 32.14 -1.04
CA ASP A 159 -13.36 32.62 0.33
C ASP A 159 -12.95 31.54 1.34
N TYR A 160 -13.22 30.26 1.08
CA TYR A 160 -12.83 29.18 1.99
C TYR A 160 -11.34 29.20 2.15
N ASP A 161 -10.66 29.41 1.03
CA ASP A 161 -9.22 29.38 0.99
C ASP A 161 -8.59 30.41 1.88
N LYS A 162 -9.26 31.53 2.12
CA LYS A 162 -8.66 32.57 2.94
C LYS A 162 -8.71 32.28 4.41
N ILE A 163 -9.67 31.47 4.84
CA ILE A 163 -9.92 31.29 6.26
C ILE A 163 -8.63 30.93 7.02
N SER A 164 -7.87 29.98 6.52
CA SER A 164 -6.64 29.56 7.19
C SER A 164 -5.38 29.90 6.40
N ALA A 165 -5.47 30.89 5.49
CA ALA A 165 -4.28 31.38 4.73
C ALA A 165 -3.16 31.69 5.69
N GLY A 166 -1.98 31.19 5.42
CA GLY A 166 -0.88 31.44 6.33
C GLY A 166 -0.58 30.21 7.16
N ASN A 167 -1.52 29.27 7.33
CA ASN A 167 -1.26 28.12 8.18
C ASN A 167 -1.17 26.77 7.46
N TYR A 168 -1.32 26.77 6.13
CA TYR A 168 -1.21 25.56 5.36
C TYR A 168 0.26 25.11 5.23
N THR A 169 0.48 23.81 5.15
CA THR A 169 1.84 23.29 4.87
C THR A 169 1.72 22.28 3.74
N PRO A 170 1.73 22.76 2.47
CA PRO A 170 1.49 21.87 1.32
C PRO A 170 2.51 20.74 1.29
N THR A 171 3.74 21.03 1.65
CA THR A 171 4.74 19.99 1.94
C THR A 171 5.00 19.99 3.44
N GLY A 172 5.11 18.81 4.04
CA GLY A 172 5.35 18.71 5.49
C GLY A 172 4.13 18.60 6.41
N TRP A 173 2.92 18.52 5.82
CA TRP A 173 1.68 18.41 6.61
C TRP A 173 1.67 17.26 7.58
N GLN A 174 2.35 16.18 7.17
CA GLN A 174 2.39 14.97 7.96
C GLN A 174 3.23 15.08 9.25
N ASN A 175 3.98 16.16 9.42
CA ASN A 175 4.78 16.37 10.63
C ASN A 175 4.09 17.15 11.73
N ARG A 176 2.79 17.43 11.56
CA ARG A 176 2.00 18.11 12.56
C ARG A 176 0.94 17.18 13.02
N LYS A 177 0.80 17.01 14.32
CA LYS A 177 -0.22 16.13 14.87
C LYS A 177 -1.52 16.87 15.08
N LEU A 178 -2.57 16.13 15.43
CA LEU A 178 -3.91 16.65 15.62
C LEU A 178 -3.94 17.75 16.68
N ALA A 179 -3.25 17.56 17.79
CA ALA A 179 -3.24 18.55 18.86
C ALA A 179 -2.64 19.90 18.39
N GLU A 180 -1.68 19.84 17.47
CA GLU A 180 -1.15 21.04 16.83
C GLU A 180 -2.08 21.66 15.78
N VAL A 181 -2.76 20.87 14.94
CA VAL A 181 -3.48 21.48 13.80
C VAL A 181 -4.91 21.95 14.11
N ALA A 182 -5.52 21.33 15.09
CA ALA A 182 -6.89 21.62 15.45
C ALA A 182 -7.01 23.05 15.92
N PRO A 183 -6.05 23.56 16.75
CA PRO A 183 -6.14 24.97 17.17
C PRO A 183 -6.04 25.97 16.02
N LEU A 184 -5.56 25.50 14.88
CA LEU A 184 -5.47 26.33 13.67
C LEU A 184 -6.69 26.15 12.77
N GLY A 185 -7.65 25.34 13.19
CA GLY A 185 -8.87 25.16 12.41
C GLY A 185 -8.80 24.02 11.40
N PHE A 186 -7.91 23.08 11.62
CA PHE A 186 -7.78 21.91 10.73
C PHE A 186 -8.30 20.68 11.45
N VAL A 187 -9.25 19.97 10.81
CA VAL A 187 -9.83 18.78 11.39
C VAL A 187 -8.92 17.56 11.44
N THR A 188 -7.89 17.53 10.60
CA THR A 188 -6.89 16.48 10.58
C THR A 188 -5.59 17.10 10.11
N PRO A 189 -4.48 16.42 10.29
CA PRO A 189 -3.21 16.92 9.71
C PRO A 189 -3.29 17.14 8.23
N TYR A 190 -3.89 16.20 7.51
CA TYR A 190 -4.04 16.31 6.04
C TYR A 190 -4.87 17.51 5.58
N ALA A 191 -5.86 17.90 6.37
CA ALA A 191 -6.63 19.12 6.10
C ALA A 191 -5.79 20.36 6.15
N GLY A 192 -4.72 20.32 6.92
CA GLY A 192 -3.75 21.41 6.98
C GLY A 192 -2.75 21.45 5.79
N SER A 193 -2.95 20.68 4.71
CA SER A 193 -1.99 20.71 3.60
C SER A 193 -2.31 21.85 2.60
N LYS A 194 -3.54 21.84 2.08
CA LYS A 194 -3.94 22.71 1.01
C LYS A 194 -5.46 22.94 1.16
N PRO A 195 -5.95 24.15 0.82
CA PRO A 195 -7.40 24.37 0.95
C PRO A 195 -8.27 23.32 0.28
N SER A 196 -7.90 22.83 -0.91
CA SER A 196 -8.77 21.82 -1.58
C SER A 196 -8.87 20.51 -0.76
N GLU A 197 -7.80 20.13 -0.08
CA GLU A 197 -7.87 18.97 0.82
C GLU A 197 -8.61 19.27 2.13
N ASP A 198 -8.47 20.51 2.60
CA ASP A 198 -9.12 20.99 3.82
C ASP A 198 -10.65 20.84 3.68
N ILE A 199 -11.22 21.38 2.64
CA ILE A 199 -12.63 21.27 2.51
C ILE A 199 -13.11 19.80 2.25
N ALA A 200 -12.34 18.97 1.53
CA ALA A 200 -12.70 17.57 1.38
C ALA A 200 -12.68 16.84 2.73
N GLU A 201 -11.72 17.20 3.59
CA GLU A 201 -11.59 16.61 4.93
C GLU A 201 -12.70 17.05 5.87
N VAL A 202 -13.05 18.33 5.83
CA VAL A 202 -14.14 18.80 6.69
C VAL A 202 -15.38 18.03 6.33
N THR A 203 -15.68 17.90 5.05
CA THR A 203 -16.85 17.18 4.58
C THR A 203 -16.84 15.70 4.98
N ALA A 204 -15.71 15.01 4.73
CA ALA A 204 -15.58 13.59 5.03
C ALA A 204 -15.57 13.30 6.52
N CYS A 205 -14.91 14.16 7.28
CA CYS A 205 -14.94 13.99 8.77
C CYS A 205 -16.34 14.24 9.32
N PHE A 206 -16.98 15.32 8.86
CA PHE A 206 -18.29 15.62 9.32
C PHE A 206 -19.27 14.48 9.01
N LEU A 207 -19.16 13.87 7.83
CA LEU A 207 -20.08 12.84 7.47
C LEU A 207 -19.85 11.52 8.20
N THR A 208 -18.62 11.19 8.58
CA THR A 208 -18.29 9.89 9.10
C THR A 208 -18.00 9.87 10.64
N TYR A 209 -17.51 10.96 11.22
CA TYR A 209 -17.20 11.01 12.68
C TYR A 209 -18.47 10.94 13.55
N PRO A 210 -18.53 10.00 14.50
CA PRO A 210 -19.61 10.11 15.44
C PRO A 210 -19.44 11.40 16.23
N GLU A 211 -20.51 11.80 16.82
CA GLU A 211 -20.54 13.00 17.56
C GLU A 211 -19.39 13.14 18.58
N ALA A 212 -19.07 12.07 19.32
CA ALA A 212 -18.04 12.17 20.34
C ALA A 212 -16.66 12.46 19.72
N GLN A 213 -16.41 11.87 18.58
CA GLN A 213 -15.14 12.06 17.89
C GLN A 213 -15.02 13.50 17.35
N TRP A 214 -16.12 14.00 16.81
CA TRP A 214 -16.16 15.37 16.29
C TRP A 214 -15.94 16.36 17.41
N GLU A 215 -16.65 16.17 18.49
CA GLU A 215 -16.48 17.00 19.70
C GLU A 215 -15.08 16.90 20.26
N ASN A 216 -14.45 15.74 20.18
CA ASN A 216 -13.09 15.67 20.66
C ASN A 216 -12.18 16.60 19.82
N VAL A 217 -12.42 16.65 18.50
CA VAL A 217 -11.64 17.55 17.66
C VAL A 217 -11.87 18.99 18.09
N MSE A 218 -13.12 19.37 18.31
CA MSE A 218 -13.46 20.70 18.79
C MSE A 218 -12.78 21.01 20.13
O MSE A 218 -12.27 22.10 20.34
CB MSE A 218 -14.97 20.86 18.97
CG MSE A 218 -15.77 20.65 17.74
SE MSE A 218 -15.28 21.86 16.23
CE MSE A 218 -16.50 23.34 16.74
N THR A 219 -12.77 20.04 21.04
CA THR A 219 -12.06 20.22 22.29
C THR A 219 -10.57 20.51 22.03
N LEU A 220 -9.90 19.73 21.19
CA LEU A 220 -8.48 19.96 20.91
C LEU A 220 -8.32 21.27 20.18
N ALA A 221 -9.33 21.70 19.46
CA ALA A 221 -9.23 23.00 18.79
C ALA A 221 -9.24 24.20 19.73
N GLY A 222 -9.91 24.08 20.90
CA GLY A 222 -9.85 25.16 21.95
C GLY A 222 -10.51 26.44 21.41
N GLU A 223 -10.37 27.52 22.15
CA GLU A 223 -10.99 28.78 21.85
C GLU A 223 -10.61 29.36 20.54
N LYS A 224 -9.38 29.16 20.07
CA LYS A 224 -8.98 29.68 18.74
C LYS A 224 -9.49 28.88 17.60
N GLY A 225 -9.39 27.58 17.69
CA GLY A 225 -9.72 26.74 16.54
C GLY A 225 -11.20 26.44 16.33
N LYS A 226 -11.96 26.36 17.40
CA LYS A 226 -13.38 26.04 17.32
C LYS A 226 -14.11 26.98 16.40
N PRO A 227 -13.98 28.29 16.60
CA PRO A 227 -14.65 29.20 15.68
C PRO A 227 -14.20 29.04 14.22
N ILE A 228 -12.92 28.68 14.00
CA ILE A 228 -12.42 28.49 12.67
C ILE A 228 -13.07 27.23 11.99
N ILE A 229 -13.14 26.14 12.74
CA ILE A 229 -13.80 24.94 12.27
C ILE A 229 -15.29 25.20 12.06
N ASP A 230 -15.93 25.92 12.99
CA ASP A 230 -17.31 26.29 12.84
C ASP A 230 -17.56 27.07 11.54
N GLN A 231 -16.71 28.02 11.23
CA GLN A 231 -16.87 28.82 10.03
C GLN A 231 -16.74 27.96 8.74
N LYS A 232 -15.73 27.09 8.71
CA LYS A 232 -15.53 26.18 7.59
C LYS A 232 -16.71 25.26 7.39
N LEU A 233 -17.19 24.69 8.49
CA LEU A 233 -18.34 23.79 8.39
C LEU A 233 -19.60 24.50 7.94
N ALA A 234 -19.81 25.74 8.39
CA ALA A 234 -21.00 26.45 7.96
C ALA A 234 -20.92 26.70 6.45
N MSE A 235 -19.73 27.04 5.99
CA MSE A 235 -19.53 27.32 4.57
C MSE A 235 -19.72 26.06 3.70
O MSE A 235 -20.35 26.11 2.64
CB MSE A 235 -18.14 27.89 4.35
CG MSE A 235 -18.02 28.49 2.94
SE MSE A 235 -16.42 29.61 2.73
CE MSE A 235 -16.84 31.04 3.95
N VAL A 236 -19.22 24.92 4.17
CA VAL A 236 -19.47 23.63 3.50
C VAL A 236 -20.99 23.29 3.47
N LYS A 237 -21.65 23.38 4.61
CA LYS A 237 -23.09 23.17 4.64
C LYS A 237 -23.79 24.04 3.57
N LYS A 238 -23.41 25.32 3.51
CA LYS A 238 -24.02 26.25 2.58
C LYS A 238 -23.72 25.88 1.14
N TYR A 239 -22.48 25.50 0.85
CA TYR A 239 -22.09 25.04 -0.46
C TYR A 239 -22.90 23.77 -0.85
N MSE A 240 -23.01 22.80 0.05
CA MSE A 240 -23.73 21.59 -0.33
C MSE A 240 -25.21 21.92 -0.61
O MSE A 240 -25.81 21.36 -1.56
CB MSE A 240 -23.61 20.54 0.72
CG MSE A 240 -22.19 20.07 0.94
SE MSE A 240 -21.56 19.09 -0.62
CE MSE A 240 -22.49 17.41 -0.31
N LYS A 241 -25.76 22.86 0.17
CA LYS A 241 -27.12 23.35 -0.05
C LYS A 241 -27.29 24.13 -1.38
N ASP A 242 -26.48 25.15 -1.60
CA ASP A 242 -26.65 25.99 -2.76
C ASP A 242 -26.31 25.25 -4.06
N SER A 243 -25.27 24.41 -4.06
CA SER A 243 -24.77 23.83 -5.28
C SER A 243 -25.38 22.46 -5.56
N TRP A 244 -25.74 21.69 -4.52
CA TRP A 244 -26.19 20.33 -4.76
C TRP A 244 -27.55 20.00 -4.16
N GLN A 245 -28.20 20.97 -3.53
CA GLN A 245 -29.46 20.76 -2.81
C GLN A 245 -29.35 19.64 -1.80
N VAL A 246 -28.24 19.54 -1.11
CA VAL A 246 -28.08 18.51 -0.12
C VAL A 246 -28.00 19.17 1.25
N ASP A 247 -28.75 18.64 2.19
CA ASP A 247 -28.68 19.03 3.59
C ASP A 247 -27.59 18.14 4.26
N LEU A 248 -26.44 18.73 4.52
CA LEU A 248 -25.32 17.97 4.97
C LEU A 248 -25.51 17.34 6.39
N ASP A 249 -26.12 18.08 7.31
CA ASP A 249 -26.40 17.54 8.66
C ASP A 249 -27.33 16.33 8.56
N LEU A 250 -28.34 16.43 7.73
CA LEU A 250 -29.22 15.31 7.50
C LEU A 250 -28.44 14.11 6.93
N LEU A 251 -27.58 14.38 5.95
CA LEU A 251 -26.77 13.33 5.33
C LEU A 251 -25.86 12.67 6.37
N ARG A 252 -25.25 13.46 7.23
CA ARG A 252 -24.46 12.89 8.35
C ARG A 252 -25.29 11.89 9.20
N LYS A 253 -26.53 12.28 9.52
CA LYS A 253 -27.39 11.46 10.36
C LYS A 253 -27.84 10.23 9.66
N VAL A 254 -28.16 10.36 8.38
CA VAL A 254 -28.59 9.23 7.58
C VAL A 254 -27.45 8.19 7.44
N ILE A 255 -26.23 8.65 7.22
CA ILE A 255 -25.07 7.77 7.19
C ILE A 255 -24.90 7.03 8.51
N ALA A 256 -24.96 7.76 9.65
CA ALA A 256 -24.87 7.12 10.94
C ALA A 256 -25.98 6.06 11.18
N ARG A 257 -27.21 6.36 10.77
CA ARG A 257 -28.29 5.42 10.95
C ARG A 257 -27.99 4.18 10.12
N ARG A 258 -27.53 4.40 8.90
CA ARG A 258 -27.27 3.27 8.01
C ARG A 258 -26.10 2.37 8.45
N THR A 259 -25.01 2.95 8.90
CA THR A 259 -23.86 2.13 9.36
C THR A 259 -24.20 1.39 10.67
N ASN A 260 -25.14 1.88 11.45
CA ASN A 260 -25.62 1.10 12.60
C ASN A 260 -26.57 -0.03 12.25
N GLU A 261 -27.07 -0.04 11.03
CA GLU A 261 -27.99 -1.05 10.51
C GLU A 261 -27.27 -2.19 9.80
N ILE A 262 -25.95 -2.20 9.78
CA ILE A 262 -25.24 -3.21 9.00
C ILE A 262 -25.67 -4.65 9.36
N SER A 263 -25.77 -4.96 10.64
CA SER A 263 -26.10 -6.34 11.01
C SER A 263 -27.54 -6.70 10.68
N GLU A 264 -28.38 -5.75 10.31
CA GLU A 264 -29.72 -6.08 9.80
C GLU A 264 -29.74 -6.42 8.31
N LEU A 265 -28.63 -6.24 7.58
CA LEU A 265 -28.63 -6.56 6.16
C LEU A 265 -28.54 -8.06 5.94
N ASP A 266 -28.95 -8.50 4.76
CA ASP A 266 -28.94 -9.92 4.44
C ASP A 266 -27.61 -10.25 3.77
N LEU A 267 -26.60 -10.36 4.61
CA LEU A 267 -25.24 -10.46 4.16
C LEU A 267 -24.84 -11.86 3.76
N ASP A 268 -25.63 -12.86 4.11
CA ASP A 268 -25.28 -14.24 3.81
C ASP A 268 -25.87 -14.79 2.51
N HIS A 269 -26.51 -13.92 1.74
CA HIS A 269 -27.13 -14.33 0.49
C HIS A 269 -26.87 -13.24 -0.55
N ILE A 270 -26.89 -13.62 -1.83
CA ILE A 270 -26.82 -12.64 -2.89
C ILE A 270 -28.22 -12.08 -3.10
N TYR A 271 -29.14 -12.87 -3.67
CA TYR A 271 -30.55 -12.48 -3.76
C TYR A 271 -31.25 -13.09 -2.56
N ILE B 12 15.27 24.59 0.17
CA ILE B 12 16.62 23.95 -0.07
C ILE B 12 16.54 22.47 -0.51
N PHE B 13 15.34 21.96 -0.82
CA PHE B 13 15.11 20.53 -1.15
C PHE B 13 14.63 20.25 -2.62
N ASP B 14 14.25 21.34 -3.36
CA ASP B 14 13.79 21.27 -4.78
C ASP B 14 15.00 21.21 -5.71
N ALA B 15 14.92 20.38 -6.71
CA ALA B 15 16.04 20.23 -7.61
C ALA B 15 15.85 21.09 -8.86
N SER B 16 16.95 21.60 -9.40
CA SER B 16 16.93 22.37 -10.66
C SER B 16 16.93 21.40 -11.83
N GLU B 17 16.67 21.88 -13.04
CA GLU B 17 16.74 21.00 -14.22
C GLU B 17 18.15 20.45 -14.45
N LYS B 18 19.15 21.26 -14.15
CA LYS B 18 20.57 20.85 -14.26
C LYS B 18 20.92 19.66 -13.32
N GLU B 19 20.49 19.75 -12.09
CA GLU B 19 20.70 18.70 -11.08
C GLU B 19 20.01 17.40 -11.54
N LYS B 20 18.77 17.51 -12.04
CA LYS B 20 18.03 16.34 -12.50
C LYS B 20 18.66 15.72 -13.72
N SER B 21 19.22 16.53 -14.63
CA SER B 21 19.93 15.98 -15.78
C SER B 21 21.22 15.34 -15.31
N GLU B 22 21.87 15.91 -14.28
CA GLU B 22 23.10 15.28 -13.77
C GLU B 22 22.77 13.89 -13.16
N PHE B 23 21.66 13.80 -12.44
CA PHE B 23 21.23 12.51 -11.85
C PHE B 23 20.82 11.54 -12.95
N ASP B 24 20.12 12.02 -13.99
CA ASP B 24 19.81 11.14 -15.13
C ASP B 24 21.10 10.57 -15.72
N ARG B 25 22.10 11.42 -15.89
CA ARG B 25 23.38 10.98 -16.45
CA ARG B 25 23.41 11.02 -16.41
C ARG B 25 23.99 9.91 -15.54
N TRP B 26 23.98 10.13 -14.24
CA TRP B 26 24.52 9.17 -13.29
C TRP B 26 23.75 7.85 -13.36
N LEU B 27 22.44 7.91 -13.53
CA LEU B 27 21.62 6.68 -13.60
C LEU B 27 21.91 5.91 -14.90
N LEU B 28 22.06 6.64 -16.00
CA LEU B 28 22.43 5.99 -17.25
C LEU B 28 23.70 5.16 -17.02
N GLU B 29 24.68 5.77 -16.37
CA GLU B 29 25.99 5.18 -16.22
CA GLU B 29 26.00 5.18 -16.18
C GLU B 29 26.06 4.10 -15.13
N ASN B 30 25.26 4.19 -14.08
CA ASN B 30 25.38 3.24 -12.99
C ASN B 30 24.30 2.18 -12.91
N TYR B 31 23.17 2.37 -13.60
CA TYR B 31 22.07 1.42 -13.58
C TYR B 31 21.79 0.87 -14.98
N VAL B 32 21.64 1.74 -15.96
CA VAL B 32 21.23 1.30 -17.28
C VAL B 32 22.37 0.58 -17.92
N ASN B 33 23.54 1.20 -17.99
CA ASN B 33 24.63 0.59 -18.73
C ASN B 33 25.17 -0.71 -18.17
N PRO B 34 25.47 -0.79 -16.86
CA PRO B 34 25.91 -2.08 -16.39
C PRO B 34 24.82 -3.17 -16.24
N TYR B 35 23.59 -2.77 -15.90
CA TYR B 35 22.56 -3.75 -15.48
C TYR B 35 21.26 -3.75 -16.26
N ASN B 36 21.10 -2.82 -17.18
CA ASN B 36 19.84 -2.67 -17.93
CA ASN B 36 19.85 -2.65 -17.92
C ASN B 36 18.64 -2.49 -16.99
N ILE B 37 18.84 -1.69 -15.97
CA ILE B 37 17.79 -1.34 -15.04
C ILE B 37 17.35 0.12 -15.27
N ASP B 38 16.07 0.32 -15.36
CA ASP B 38 15.55 1.67 -15.50
C ASP B 38 15.13 2.13 -14.13
N PHE B 39 15.91 3.03 -13.54
CA PHE B 39 15.62 3.58 -12.21
C PHE B 39 14.91 4.93 -12.34
N LYS B 40 13.65 5.01 -11.98
CA LYS B 40 12.85 6.23 -12.19
C LYS B 40 12.53 6.96 -10.88
N TYR B 41 12.75 8.27 -10.89
CA TYR B 41 12.43 9.10 -9.77
C TYR B 41 11.50 10.26 -10.12
N ARG B 42 11.45 10.66 -11.40
CA ARG B 42 10.67 11.80 -11.85
C ARG B 42 9.21 11.37 -11.81
N MSE B 43 8.42 12.15 -11.10
CA MSE B 43 6.99 11.86 -10.91
C MSE B 43 6.17 11.84 -12.20
O MSE B 43 5.24 11.03 -12.36
CB MSE B 43 6.40 12.88 -9.94
CG MSE B 43 6.97 12.73 -8.52
SE MSE B 43 6.56 14.27 -7.36
CE MSE B 43 8.11 15.42 -7.69
N GLU B 44 6.53 12.73 -13.11
CA GLU B 44 5.93 12.80 -14.44
C GLU B 44 6.09 11.52 -15.27
N HIS B 45 7.10 10.68 -15.01
CA HIS B 45 7.30 9.40 -15.77
C HIS B 45 6.78 8.16 -15.06
N ILE B 46 6.20 8.33 -13.89
CA ILE B 46 5.72 7.22 -13.09
C ILE B 46 4.19 7.23 -13.10
N GLU B 47 3.62 6.06 -13.38
CA GLU B 47 2.18 5.90 -13.46
CA GLU B 47 2.17 5.94 -13.44
C GLU B 47 1.74 4.81 -12.49
N SER B 48 1.00 5.19 -11.45
CA SER B 48 0.45 4.23 -10.50
C SER B 48 -0.67 4.74 -9.66
N ASP B 49 -1.30 3.79 -8.98
CA ASP B 49 -2.32 4.08 -8.01
C ASP B 49 -1.65 4.76 -6.81
N TYR B 50 -2.39 5.50 -6.02
CA TYR B 50 -1.80 6.29 -4.97
C TYR B 50 -2.72 6.27 -3.77
N THR B 51 -2.24 6.81 -2.63
CA THR B 51 -3.10 7.02 -1.46
C THR B 51 -2.99 8.48 -1.00
N HIS B 52 -3.66 8.83 0.12
CA HIS B 52 -3.52 10.17 0.71
C HIS B 52 -2.14 10.38 1.34
N ASN B 53 -1.39 9.29 1.45
CA ASN B 53 0.01 9.37 1.80
C ASN B 53 1.01 9.88 0.78
N LEU B 54 0.58 10.04 -0.47
CA LEU B 54 1.46 10.50 -1.50
C LEU B 54 1.97 11.91 -1.17
N VAL B 55 3.27 12.10 -1.30
CA VAL B 55 3.94 13.40 -1.18
C VAL B 55 4.95 13.51 -2.31
N PRO B 56 5.45 14.73 -2.56
CA PRO B 56 6.40 14.84 -3.68
C PRO B 56 7.65 14.01 -3.40
N THR B 57 8.21 13.42 -4.45
CA THR B 57 9.38 12.58 -4.32
C THR B 57 10.57 13.48 -4.05
N ASP B 58 11.23 13.29 -2.90
CA ASP B 58 12.36 14.10 -2.46
C ASP B 58 13.56 13.75 -3.35
N PHE B 59 14.07 14.74 -4.07
CA PHE B 59 15.15 14.53 -5.00
C PHE B 59 16.46 14.07 -4.37
N TRP B 60 17.00 14.79 -3.40
CA TRP B 60 18.27 14.39 -2.79
C TRP B 60 18.16 13.09 -1.98
N LEU B 61 16.99 12.78 -1.47
CA LEU B 61 16.84 11.47 -0.88
C LEU B 61 16.85 10.36 -1.98
N SER B 62 16.34 10.65 -3.18
CA SER B 62 16.34 9.66 -4.27
C SER B 62 17.76 9.36 -4.63
N VAL B 63 18.62 10.37 -4.61
CA VAL B 63 19.99 10.19 -4.94
C VAL B 63 20.65 9.26 -3.93
N LYS B 64 20.38 9.51 -2.66
CA LYS B 64 20.97 8.70 -1.57
C LYS B 64 20.55 7.26 -1.75
N LEU B 65 19.26 7.05 -1.98
CA LEU B 65 18.75 5.69 -2.14
C LEU B 65 19.32 4.98 -3.36
N ALA B 66 19.47 5.68 -4.47
CA ALA B 66 20.03 5.06 -5.64
C ALA B 66 21.45 4.57 -5.37
N LYS B 67 22.22 5.32 -4.59
CA LYS B 67 23.56 4.89 -4.26
C LYS B 67 23.58 3.77 -3.19
N ILE B 68 22.66 3.82 -2.24
CA ILE B 68 22.60 2.79 -1.20
C ILE B 68 22.18 1.42 -1.77
N VAL B 69 21.17 1.46 -2.65
CA VAL B 69 20.67 0.26 -3.33
C VAL B 69 21.76 -0.42 -4.20
N LYS B 70 22.55 0.38 -4.87
CA LYS B 70 23.58 -0.15 -5.71
C LYS B 70 24.67 -0.74 -4.84
N HIS B 71 25.06 -0.02 -3.81
CA HIS B 71 26.14 -0.43 -2.93
C HIS B 71 25.84 -1.74 -2.18
N CYS B 72 24.60 -1.90 -1.76
CA CYS B 72 24.24 -2.98 -0.85
C CYS B 72 23.63 -4.23 -1.49
N TRP B 73 23.15 -4.11 -2.72
CA TRP B 73 22.59 -5.23 -3.45
C TRP B 73 23.38 -5.40 -4.74
N LEU B 74 23.30 -4.44 -5.66
CA LEU B 74 23.88 -4.64 -6.98
C LEU B 74 25.34 -4.96 -6.89
N GLU B 75 26.09 -4.16 -6.14
CA GLU B 75 27.51 -4.41 -6.01
C GLU B 75 27.89 -5.62 -5.17
N ALA B 76 26.98 -6.06 -4.29
CA ALA B 76 27.22 -7.24 -3.47
C ALA B 76 27.11 -8.50 -4.33
N TYR B 77 26.08 -8.53 -5.13
CA TYR B 77 25.90 -9.60 -6.08
C TYR B 77 27.08 -9.62 -7.06
N ASP B 78 27.51 -8.45 -7.54
CA ASP B 78 28.64 -8.42 -8.47
C ASP B 78 29.88 -9.03 -7.80
N GLU B 79 30.18 -8.60 -6.58
CA GLU B 79 31.36 -9.04 -5.87
C GLU B 79 31.42 -10.54 -5.68
N VAL B 80 30.30 -11.15 -5.39
CA VAL B 80 30.30 -12.58 -5.15
C VAL B 80 29.95 -13.45 -6.35
N GLY B 81 29.02 -13.03 -7.21
CA GLY B 81 28.61 -13.85 -8.36
C GLY B 81 29.03 -13.37 -9.73
N GLY B 82 29.53 -12.14 -9.84
CA GLY B 82 29.86 -11.61 -11.15
C GLY B 82 28.65 -10.92 -11.80
N LEU B 83 28.95 -10.13 -12.82
CA LEU B 83 28.00 -9.22 -13.41
C LEU B 83 26.89 -10.03 -14.06
N ASP B 84 27.24 -11.17 -14.64
CA ASP B 84 26.24 -11.99 -15.32
C ASP B 84 25.17 -12.46 -14.37
N PHE B 85 25.59 -12.81 -13.15
CA PHE B 85 24.67 -13.28 -12.13
C PHE B 85 23.71 -12.14 -11.75
N THR B 86 24.30 -10.98 -11.45
CA THR B 86 23.52 -9.81 -11.06
C THR B 86 22.53 -9.52 -12.14
N ARG B 87 22.97 -9.59 -13.40
CA ARG B 87 22.03 -9.26 -14.50
C ARG B 87 20.93 -10.30 -14.65
N ALA B 88 21.23 -11.56 -14.28
CA ALA B 88 20.27 -12.64 -14.43
C ALA B 88 19.06 -12.51 -13.52
N CYS B 89 19.19 -11.88 -12.35
CA CYS B 89 18.04 -11.74 -11.46
C CYS B 89 17.60 -10.32 -11.15
N ALA B 90 17.97 -9.38 -12.01
CA ALA B 90 17.68 -8.00 -11.74
C ALA B 90 16.25 -7.67 -12.12
N PRO B 91 15.65 -6.67 -11.46
CA PRO B 91 14.39 -6.21 -12.00
C PRO B 91 14.62 -5.38 -13.27
N LYS B 92 13.61 -5.14 -14.06
CA LYS B 92 13.73 -4.25 -15.23
C LYS B 92 13.56 -2.77 -14.86
N VAL B 93 12.73 -2.51 -13.85
CA VAL B 93 12.41 -1.15 -13.46
C VAL B 93 12.34 -1.02 -11.95
N ILE B 94 12.92 0.07 -11.45
CA ILE B 94 12.78 0.52 -10.05
C ILE B 94 12.13 1.90 -10.09
N HIS B 95 11.04 2.10 -9.35
CA HIS B 95 10.40 3.43 -9.23
C HIS B 95 10.56 3.85 -7.81
N LEU B 96 10.93 5.10 -7.58
CA LEU B 96 10.84 5.69 -6.24
C LEU B 96 9.62 6.60 -6.23
N ILE B 97 8.81 6.46 -5.19
CA ILE B 97 7.64 7.30 -4.99
C ILE B 97 7.67 7.85 -3.61
N GLY B 98 7.34 9.12 -3.45
CA GLY B 98 7.33 9.70 -2.08
C GLY B 98 6.14 9.33 -1.23
N SER B 99 6.39 9.14 0.06
CA SER B 99 5.36 8.84 1.01
C SER B 99 5.51 9.59 2.32
N ALA B 100 4.36 9.98 2.89
CA ALA B 100 4.30 10.70 4.12
C ALA B 100 4.83 9.86 5.28
N SER B 101 4.68 8.53 5.22
CA SER B 101 5.17 7.65 6.27
CA SER B 101 5.13 7.64 6.29
C SER B 101 5.35 6.23 5.76
N TRP B 102 5.81 5.37 6.66
CA TRP B 102 6.04 3.95 6.41
C TRP B 102 4.81 3.12 6.68
N ASP B 103 3.81 3.74 7.31
CA ASP B 103 2.62 3.01 7.83
C ASP B 103 1.71 2.34 6.80
N LYS B 104 1.68 2.79 5.56
CA LYS B 104 0.95 2.09 4.49
C LYS B 104 1.84 1.15 3.68
N GLY B 105 2.86 0.53 4.26
CA GLY B 105 3.82 -0.25 3.45
C GLY B 105 4.85 0.53 2.66
N THR B 106 5.96 -0.11 2.29
CA THR B 106 7.09 0.61 1.73
C THR B 106 7.52 0.18 0.33
N TYR B 107 6.78 -0.74 -0.29
CA TYR B 107 7.06 -1.19 -1.64
C TYR B 107 5.80 -1.71 -2.30
N THR B 108 5.84 -1.74 -3.63
CA THR B 108 4.96 -2.59 -4.40
C THR B 108 5.73 -3.26 -5.48
N LEU B 109 5.12 -4.30 -6.02
CA LEU B 109 5.67 -5.11 -7.12
C LEU B 109 4.70 -5.10 -8.29
N GLY B 110 5.25 -5.11 -9.49
CA GLY B 110 4.47 -5.27 -10.71
C GLY B 110 5.35 -5.81 -11.84
N THR B 111 4.92 -5.55 -13.06
CA THR B 111 5.65 -6.02 -14.25
C THR B 111 5.97 -4.83 -15.11
N ALA B 112 7.05 -4.92 -15.87
CA ALA B 112 7.41 -3.94 -16.88
C ALA B 112 8.47 -4.53 -17.83
N GLU B 113 8.31 -4.28 -19.13
CA GLU B 113 9.26 -4.75 -20.16
C GLU B 113 9.59 -6.21 -19.93
N GLY B 114 8.55 -7.02 -19.67
CA GLY B 114 8.66 -8.46 -19.55
C GLY B 114 9.24 -9.08 -18.30
N GLY B 115 9.66 -8.26 -17.34
CA GLY B 115 10.13 -8.76 -16.07
C GLY B 115 9.56 -7.91 -14.91
N LEU B 116 10.37 -7.79 -13.87
CA LEU B 116 9.92 -7.28 -12.61
C LEU B 116 10.08 -5.79 -12.52
N LYS B 117 9.02 -5.16 -12.03
CA LYS B 117 9.07 -3.81 -11.55
C LYS B 117 8.99 -3.77 -9.98
N VAL B 118 9.90 -3.03 -9.33
CA VAL B 118 9.87 -2.78 -7.89
C VAL B 118 9.66 -1.29 -7.66
N THR B 119 8.70 -0.94 -6.80
CA THR B 119 8.47 0.41 -6.42
C THR B 119 8.81 0.55 -4.97
N LEU B 120 9.64 1.53 -4.63
CA LEU B 120 9.98 1.79 -3.26
C LEU B 120 9.36 3.12 -2.83
N TYR B 121 8.62 3.09 -1.71
CA TYR B 121 8.01 4.28 -1.12
C TYR B 121 9.00 4.80 -0.07
N MSE B 122 9.32 6.07 -0.19
CA MSE B 122 10.36 6.69 0.67
C MSE B 122 10.05 8.12 1.07
O MSE B 122 9.18 8.77 0.49
CB MSE B 122 11.74 6.70 -0.04
CG MSE B 122 11.73 6.79 -1.53
SE MSE B 122 11.16 8.50 -2.35
CE MSE B 122 12.80 9.53 -2.19
N GLY B 123 10.77 8.59 2.08
CA GLY B 123 10.59 9.98 2.60
C GLY B 123 11.58 10.18 3.72
N ASN B 124 11.70 11.38 4.25
CA ASN B 124 12.77 11.59 5.22
CA ASN B 124 12.73 11.67 5.26
C ASN B 124 12.45 11.05 6.62
N TRP B 125 11.34 10.31 6.75
CA TRP B 125 11.09 9.47 7.92
C TRP B 125 12.12 8.29 7.94
N LEU B 126 12.83 8.08 6.84
CA LEU B 126 13.83 6.99 6.74
C LEU B 126 15.08 7.30 7.58
N ASP B 127 15.60 6.32 8.29
CA ASP B 127 16.92 6.44 8.86
C ASP B 127 17.84 5.54 8.03
N LEU B 128 18.56 6.15 7.11
CA LEU B 128 19.23 5.39 6.05
C LEU B 128 20.35 4.46 6.52
N THR B 129 20.95 4.79 7.65
CA THR B 129 22.02 3.98 8.23
C THR B 129 21.48 2.93 9.20
N ASN B 130 20.17 2.92 9.50
CA ASN B 130 19.58 1.84 10.27
C ASN B 130 19.35 0.61 9.41
N VAL B 131 20.28 -0.32 9.54
CA VAL B 131 20.31 -1.56 8.81
C VAL B 131 19.03 -2.40 8.99
N ASP B 132 18.56 -2.61 10.24
CA ASP B 132 17.28 -3.34 10.45
C ASP B 132 16.09 -2.71 9.71
N ARG B 133 16.05 -1.37 9.64
CA ARG B 133 14.90 -0.72 9.04
C ARG B 133 14.97 -0.78 7.51
N MSE B 134 16.16 -0.60 6.93
CA MSE B 134 16.38 -0.73 5.46
C MSE B 134 16.07 -2.15 4.96
O MSE B 134 15.49 -2.34 3.92
CB MSE B 134 17.80 -0.33 5.02
CG MSE B 134 18.14 1.09 5.40
SE MSE B 134 17.02 2.40 4.47
CE MSE B 134 17.97 2.29 2.77
N ASN B 135 16.49 -3.14 5.72
CA ASN B 135 16.12 -4.52 5.41
C ASN B 135 14.62 -4.73 5.58
N GLU B 136 14.05 -4.25 6.66
CA GLU B 136 12.63 -4.44 6.86
C GLU B 136 11.80 -3.79 5.73
N TYR B 137 12.12 -2.57 5.35
CA TYR B 137 11.31 -1.82 4.38
C TYR B 137 11.53 -2.26 2.94
N TYR B 138 12.76 -2.65 2.61
CA TYR B 138 13.20 -2.75 1.26
C TYR B 138 13.99 -3.96 0.93
N PHE B 139 15.11 -4.23 1.62
CA PHE B 139 16.04 -5.22 1.03
C PHE B 139 15.59 -6.65 1.16
N LYS B 140 14.91 -6.98 2.24
CA LYS B 140 14.39 -8.35 2.44
C LYS B 140 13.45 -8.80 1.30
N VAL B 141 12.43 -8.03 1.02
CA VAL B 141 11.54 -8.32 -0.11
CA VAL B 141 11.56 -8.42 -0.08
C VAL B 141 12.26 -8.34 -1.46
N MSE B 142 13.21 -7.44 -1.64
CA MSE B 142 13.97 -7.43 -2.88
C MSE B 142 14.75 -8.74 -3.08
O MSE B 142 14.60 -9.40 -4.12
CB MSE B 142 14.92 -6.23 -2.98
CG MSE B 142 14.16 -4.94 -3.20
SE MSE B 142 15.25 -3.33 -2.87
CE MSE B 142 15.89 -3.15 -4.69
N HIS B 143 15.57 -9.15 -2.11
CA HIS B 143 16.29 -10.42 -2.27
C HIS B 143 15.35 -11.58 -2.48
N HIS B 144 14.17 -11.48 -1.90
CA HIS B 144 13.20 -12.55 -2.03
C HIS B 144 12.81 -12.65 -3.50
N GLU B 145 12.47 -11.52 -4.10
CA GLU B 145 12.06 -11.47 -5.52
C GLU B 145 13.19 -11.83 -6.50
N PHE B 146 14.41 -11.37 -6.23
CA PHE B 146 15.55 -11.77 -7.08
C PHE B 146 15.78 -13.30 -7.03
N ALA B 147 15.65 -13.89 -5.86
CA ALA B 147 15.78 -15.31 -5.73
C ALA B 147 14.74 -16.02 -6.53
N HIS B 148 13.50 -15.54 -6.46
CA HIS B 148 12.48 -16.10 -7.27
C HIS B 148 12.78 -16.09 -8.82
N ILE B 149 13.43 -15.03 -9.34
CA ILE B 149 13.79 -14.98 -10.75
C ILE B 149 14.86 -16.01 -11.00
N LEU B 150 15.81 -16.16 -10.07
CA LEU B 150 16.78 -17.24 -10.21
C LEU B 150 16.09 -18.61 -10.39
N HIS B 151 15.11 -18.88 -9.51
CA HIS B 151 14.42 -20.14 -9.54
C HIS B 151 13.67 -20.39 -10.83
N GLN B 152 13.14 -19.36 -11.43
CA GLN B 152 12.44 -19.48 -12.71
C GLN B 152 13.42 -19.86 -13.80
N LYS B 153 14.60 -19.25 -13.80
CA LYS B 153 15.56 -19.53 -14.83
C LYS B 153 16.25 -20.88 -14.63
N LYS B 154 16.60 -21.23 -13.40
CA LYS B 154 17.18 -22.52 -13.11
C LYS B 154 16.47 -23.14 -11.92
N ASN B 155 15.62 -24.11 -12.19
CA ASN B 155 14.73 -24.62 -11.17
C ASN B 155 15.50 -25.21 -10.00
N TYR B 156 14.98 -24.99 -8.80
CA TYR B 156 15.62 -25.52 -7.58
C TYR B 156 15.25 -27.00 -7.45
N PRO B 157 15.95 -27.76 -6.57
CA PRO B 157 15.63 -29.24 -6.52
C PRO B 157 14.21 -29.55 -6.02
N VAL B 158 13.54 -30.45 -6.72
CA VAL B 158 12.18 -30.77 -6.38
C VAL B 158 12.07 -31.32 -4.98
N ASP B 159 13.11 -31.96 -4.48
CA ASP B 159 13.07 -32.51 -3.12
C ASP B 159 12.89 -31.46 -2.03
N TYR B 160 13.17 -30.16 -2.31
CA TYR B 160 12.96 -29.09 -1.32
C TYR B 160 11.52 -29.08 -0.87
N ASP B 161 10.63 -29.22 -1.85
CA ASP B 161 9.20 -29.24 -1.61
C ASP B 161 8.73 -30.32 -0.65
N LYS B 162 9.41 -31.45 -0.58
CA LYS B 162 8.95 -32.50 0.31
C LYS B 162 9.27 -32.24 1.78
N ILE B 163 10.29 -31.45 2.03
CA ILE B 163 10.82 -31.33 3.38
C ILE B 163 9.69 -31.01 4.37
N SER B 164 8.84 -30.05 4.06
CA SER B 164 7.77 -29.66 4.95
C SER B 164 6.38 -30.01 4.40
N ALA B 165 6.30 -30.97 3.47
CA ALA B 165 4.99 -31.41 2.94
C ALA B 165 4.00 -31.74 4.08
N GLY B 166 2.80 -31.19 4.04
CA GLY B 166 1.86 -31.45 5.11
C GLY B 166 1.76 -30.27 6.03
N ASN B 167 2.76 -29.39 6.05
CA ASN B 167 2.69 -28.25 6.95
C ASN B 167 2.50 -26.91 6.28
N TYR B 168 2.36 -26.88 4.96
CA TYR B 168 2.11 -25.64 4.25
C TYR B 168 0.65 -25.20 4.39
N THR B 169 0.42 -23.89 4.40
CA THR B 169 -0.93 -23.35 4.39
C THR B 169 -1.05 -22.30 3.28
N PRO B 170 -1.29 -22.75 2.04
CA PRO B 170 -1.28 -21.82 0.89
C PRO B 170 -2.29 -20.70 1.10
N THR B 171 -3.44 -21.00 1.65
CA THR B 171 -4.37 -20.00 2.16
C THR B 171 -4.37 -20.04 3.68
N GLY B 172 -4.34 -18.88 4.33
CA GLY B 172 -4.30 -18.81 5.81
C GLY B 172 -2.94 -18.72 6.49
N TRP B 173 -1.87 -18.63 5.70
CA TRP B 173 -0.48 -18.54 6.23
C TRP B 173 -0.29 -17.42 7.20
N GLN B 174 -1.01 -16.34 6.93
CA GLN B 174 -0.90 -15.11 7.76
C GLN B 174 -1.48 -15.26 9.18
N ASN B 175 -2.20 -16.33 9.46
CA ASN B 175 -2.77 -16.56 10.81
C ASN B 175 -1.86 -17.37 11.74
N ARG B 176 -0.64 -17.67 11.31
CA ARG B 176 0.32 -18.42 12.13
C ARG B 176 1.46 -17.48 12.40
N LYS B 177 1.83 -17.35 13.66
CA LYS B 177 2.92 -16.47 14.01
C LYS B 177 4.23 -17.21 14.00
N LEU B 178 5.32 -16.47 14.18
CA LEU B 178 6.67 -17.01 14.09
C LEU B 178 6.91 -18.15 15.06
N ALA B 179 6.42 -17.99 16.29
CA ALA B 179 6.60 -18.98 17.34
C ALA B 179 5.91 -20.30 16.97
N GLU B 180 4.81 -20.23 16.23
CA GLU B 180 4.19 -21.43 15.68
C GLU B 180 4.90 -22.01 14.44
N VAL B 181 5.44 -21.21 13.51
CA VAL B 181 5.91 -21.79 12.23
C VAL B 181 7.38 -22.24 12.25
N ALA B 182 8.15 -21.65 13.12
CA ALA B 182 9.55 -21.95 13.22
C ALA B 182 9.78 -23.39 13.62
N PRO B 183 9.02 -23.92 14.62
CA PRO B 183 9.14 -25.35 14.95
C PRO B 183 8.84 -26.30 13.81
N LEU B 184 8.14 -25.79 12.78
CA LEU B 184 7.82 -26.60 11.60
C LEU B 184 8.87 -26.41 10.50
N GLY B 185 9.90 -25.62 10.77
CA GLY B 185 10.96 -25.43 9.77
C GLY B 185 10.74 -24.26 8.82
N PHE B 186 9.91 -23.31 9.23
CA PHE B 186 9.59 -22.15 8.41
C PHE B 186 10.23 -20.93 9.05
N VAL B 187 11.01 -20.19 8.25
CA VAL B 187 11.73 -18.99 8.77
C VAL B 187 10.84 -17.78 9.02
N THR B 188 9.69 -17.71 8.35
CA THR B 188 8.66 -16.68 8.55
C THR B 188 7.29 -17.30 8.32
N PRO B 189 6.24 -16.66 8.77
CA PRO B 189 4.90 -17.12 8.39
C PRO B 189 4.72 -17.32 6.89
N TYR B 190 5.18 -16.36 6.08
CA TYR B 190 5.04 -16.38 4.63
C TYR B 190 5.75 -17.54 4.01
N ALA B 191 6.87 -17.98 4.61
CA ALA B 191 7.59 -19.19 4.13
C ALA B 191 6.73 -20.44 4.28
N GLY B 192 5.79 -20.39 5.23
CA GLY B 192 4.87 -21.50 5.46
C GLY B 192 3.71 -21.50 4.49
N SER B 193 3.73 -20.69 3.43
CA SER B 193 2.56 -20.65 2.51
C SER B 193 2.70 -21.78 1.44
N LYS B 194 3.82 -21.78 0.73
CA LYS B 194 4.12 -22.82 -0.23
C LYS B 194 5.62 -22.89 -0.57
N PRO B 195 6.04 -24.04 -1.08
CA PRO B 195 7.46 -24.29 -1.22
C PRO B 195 8.20 -23.20 -2.01
N SER B 196 7.58 -22.64 -3.04
CA SER B 196 8.33 -21.66 -3.85
C SER B 196 8.60 -20.39 -3.01
N GLU B 197 7.66 -20.04 -2.13
CA GLU B 197 7.90 -18.90 -1.25
C GLU B 197 8.89 -19.23 -0.12
N ASP B 198 8.84 -20.48 0.35
CA ASP B 198 9.65 -20.99 1.41
C ASP B 198 11.13 -20.85 1.01
N ILE B 199 11.49 -21.35 -0.14
CA ILE B 199 12.86 -21.24 -0.53
C ILE B 199 13.28 -19.78 -0.82
N ALA B 200 12.41 -18.96 -1.39
CA ALA B 200 12.76 -17.52 -1.59
C ALA B 200 12.98 -16.83 -0.22
N GLU B 201 12.17 -17.19 0.79
CA GLU B 201 12.30 -16.65 2.14
C GLU B 201 13.52 -17.13 2.86
N VAL B 202 13.86 -18.40 2.74
CA VAL B 202 15.09 -18.88 3.35
C VAL B 202 16.27 -18.08 2.77
N THR B 203 16.33 -17.93 1.47
CA THR B 203 17.40 -17.18 0.80
C THR B 203 17.46 -15.70 1.28
N ALA B 204 16.32 -15.04 1.26
CA ALA B 204 16.24 -13.61 1.61
C ALA B 204 16.50 -13.35 3.10
N CYS B 205 15.95 -14.24 3.96
CA CYS B 205 16.26 -14.14 5.39
C CYS B 205 17.73 -14.39 5.66
N PHE B 206 18.27 -15.45 5.05
CA PHE B 206 19.68 -15.76 5.27
C PHE B 206 20.55 -14.60 4.86
N LEU B 207 20.22 -13.98 3.73
CA LEU B 207 21.09 -12.94 3.21
C LEU B 207 20.98 -11.63 3.96
N THR B 208 19.84 -11.34 4.60
CA THR B 208 19.64 -10.04 5.27
C THR B 208 19.65 -10.06 6.81
N TYR B 209 19.23 -11.16 7.45
CA TYR B 209 19.22 -11.22 8.89
C TYR B 209 20.62 -11.13 9.50
N PRO B 210 20.84 -10.20 10.45
CA PRO B 210 22.08 -10.35 11.21
C PRO B 210 22.05 -11.67 11.98
N GLU B 211 23.23 -12.07 12.38
CA GLU B 211 23.38 -13.34 13.06
C GLU B 211 22.47 -13.56 14.27
N ALA B 212 22.29 -12.54 15.09
CA ALA B 212 21.46 -12.67 16.29
C ALA B 212 19.98 -12.91 15.89
N GLN B 213 19.52 -12.25 14.81
CA GLN B 213 18.13 -12.43 14.36
C GLN B 213 17.91 -13.84 13.78
N TRP B 214 18.89 -14.32 13.05
CA TRP B 214 18.81 -15.66 12.51
C TRP B 214 18.76 -16.67 13.66
N GLU B 215 19.66 -16.53 14.61
CA GLU B 215 19.73 -17.40 15.76
C GLU B 215 18.46 -17.33 16.56
N ASN B 216 17.81 -16.18 16.62
CA ASN B 216 16.58 -16.12 17.33
C ASN B 216 15.54 -17.03 16.65
N VAL B 217 15.53 -17.03 15.32
CA VAL B 217 14.64 -17.94 14.60
C VAL B 217 14.96 -19.39 14.95
N MSE B 218 16.24 -19.77 14.92
CA MSE B 218 16.66 -21.12 15.29
C MSE B 218 16.24 -21.46 16.74
O MSE B 218 15.77 -22.57 17.01
CB MSE B 218 18.16 -21.29 15.19
CG MSE B 218 18.72 -21.05 13.84
SE MSE B 218 17.99 -22.27 12.45
CE MSE B 218 19.30 -23.70 12.68
N THR B 219 16.37 -20.51 17.66
CA THR B 219 15.91 -20.72 19.06
C THR B 219 14.40 -21.00 19.12
N LEU B 220 13.59 -20.19 18.44
CA LEU B 220 12.14 -20.43 18.41
C LEU B 220 11.86 -21.73 17.69
N ALA B 221 12.72 -22.12 16.75
CA ALA B 221 12.49 -23.39 16.02
C ALA B 221 12.67 -24.64 16.92
N GLY B 222 13.56 -24.56 17.93
CA GLY B 222 13.71 -25.66 18.92
C GLY B 222 14.21 -26.92 18.27
N GLU B 223 14.16 -28.02 18.99
CA GLU B 223 14.73 -29.28 18.54
C GLU B 223 14.14 -29.82 17.28
N LYS B 224 12.86 -29.58 17.03
CA LYS B 224 12.21 -30.09 15.83
C LYS B 224 12.52 -29.25 14.63
N GLY B 225 12.44 -27.94 14.78
CA GLY B 225 12.56 -27.07 13.60
C GLY B 225 13.98 -26.77 13.14
N LYS B 226 14.94 -26.71 14.07
CA LYS B 226 16.31 -26.38 13.73
C LYS B 226 16.87 -27.30 12.66
N PRO B 227 16.76 -28.63 12.84
CA PRO B 227 17.24 -29.51 11.78
C PRO B 227 16.51 -29.33 10.46
N ILE B 228 15.24 -28.95 10.49
CA ILE B 228 14.50 -28.72 9.25
C ILE B 228 15.00 -27.46 8.51
N ILE B 229 15.17 -26.38 9.25
CA ILE B 229 15.77 -25.15 8.69
C ILE B 229 17.19 -25.42 8.21
N ASP B 230 17.96 -26.16 8.99
CA ASP B 230 19.33 -26.54 8.57
C ASP B 230 19.32 -27.29 7.22
N GLN B 231 18.41 -28.24 7.06
CA GLN B 231 18.36 -29.02 5.83
C GLN B 231 18.01 -28.14 4.61
N LYS B 232 17.04 -27.24 4.78
CA LYS B 232 16.63 -26.29 3.76
C LYS B 232 17.78 -25.34 3.34
N LEU B 233 18.43 -24.76 4.34
CA LEU B 233 19.54 -23.85 4.11
C LEU B 233 20.71 -24.57 3.42
N ALA B 234 20.98 -25.83 3.77
CA ALA B 234 22.07 -26.52 3.11
C ALA B 234 21.71 -26.73 1.63
N MSE B 235 20.46 -27.08 1.38
CA MSE B 235 20.03 -27.31 0.02
C MSE B 235 20.09 -26.02 -0.83
O MSE B 235 20.51 -26.05 -1.98
CB MSE B 235 18.62 -27.88 0.02
CG MSE B 235 18.24 -28.45 -1.34
SE MSE B 235 16.61 -29.54 -1.30
CE MSE B 235 17.24 -31.02 -0.21
N VAL B 236 19.67 -24.90 -0.24
CA VAL B 236 19.79 -23.60 -0.92
C VAL B 236 21.25 -23.25 -1.19
N LYS B 237 22.11 -23.35 -0.20
CA LYS B 237 23.54 -23.16 -0.43
C LYS B 237 24.06 -23.99 -1.60
N LYS B 238 23.66 -25.26 -1.64
CA LYS B 238 24.10 -26.15 -2.69
C LYS B 238 23.54 -25.72 -4.05
N TYR B 239 22.28 -25.30 -4.07
CA TYR B 239 21.66 -24.85 -5.29
C TYR B 239 22.37 -23.62 -5.82
N MSE B 240 22.64 -22.67 -4.94
CA MSE B 240 23.28 -21.43 -5.39
C MSE B 240 24.66 -21.73 -5.94
O MSE B 240 25.08 -21.11 -6.95
CB MSE B 240 23.36 -20.41 -4.27
CG MSE B 240 21.99 -19.99 -3.79
SE MSE B 240 21.04 -18.93 -5.16
CE MSE B 240 22.05 -17.26 -5.00
N LYS B 241 25.34 -22.69 -5.29
CA LYS B 241 26.66 -23.16 -5.77
C LYS B 241 26.60 -23.87 -7.11
N ASP B 242 25.77 -24.91 -7.21
CA ASP B 242 25.73 -25.72 -8.41
C ASP B 242 25.13 -24.98 -9.61
N SER B 243 24.09 -24.19 -9.40
CA SER B 243 23.42 -23.51 -10.50
C SER B 243 23.97 -22.14 -10.84
N TRP B 244 24.51 -21.40 -9.88
CA TRP B 244 24.93 -20.03 -10.13
C TRP B 244 26.35 -19.69 -9.73
N GLN B 245 27.10 -20.66 -9.24
CA GLN B 245 28.49 -20.47 -8.79
C GLN B 245 28.56 -19.36 -7.76
N VAL B 246 27.56 -19.29 -6.90
CA VAL B 246 27.55 -18.29 -5.85
C VAL B 246 27.69 -18.97 -4.51
N ASP B 247 28.61 -18.45 -3.69
CA ASP B 247 28.85 -18.91 -2.30
C ASP B 247 27.92 -18.09 -1.43
N LEU B 248 26.84 -18.70 -0.97
CA LEU B 248 25.80 -17.94 -0.31
C LEU B 248 26.27 -17.36 1.05
N ASP B 249 27.01 -18.13 1.84
CA ASP B 249 27.53 -17.63 3.13
C ASP B 249 28.42 -16.40 2.92
N LEU B 250 29.28 -16.46 1.90
CA LEU B 250 30.07 -15.33 1.53
C LEU B 250 29.22 -14.10 1.11
N LEU B 251 28.19 -14.34 0.30
CA LEU B 251 27.28 -13.28 -0.11
C LEU B 251 26.57 -12.68 1.11
N ARG B 252 26.12 -13.50 2.03
CA ARG B 252 25.55 -12.98 3.28
C ARG B 252 26.50 -11.99 4.01
N LYS B 253 27.78 -12.38 4.10
CA LYS B 253 28.78 -11.57 4.81
C LYS B 253 29.10 -10.32 4.06
N VAL B 254 29.19 -10.41 2.74
CA VAL B 254 29.46 -9.25 1.89
C VAL B 254 28.31 -8.23 1.97
N ILE B 255 27.08 -8.71 1.97
CA ILE B 255 25.93 -7.83 2.18
C ILE B 255 26.06 -7.12 3.54
N ALA B 256 26.31 -7.86 4.60
CA ALA B 256 26.45 -7.24 5.94
C ALA B 256 27.56 -6.19 6.01
N ARG B 257 28.70 -6.48 5.39
CA ARG B 257 29.78 -5.51 5.38
C ARG B 257 29.33 -4.25 4.66
N ARG B 258 28.64 -4.43 3.53
CA ARG B 258 28.22 -3.28 2.73
C ARG B 258 27.15 -2.41 3.40
N THR B 259 26.17 -3.03 4.06
CA THR B 259 25.13 -2.25 4.73
C THR B 259 25.68 -1.50 5.92
N ASN B 260 26.77 -1.99 6.51
CA ASN B 260 27.42 -1.23 7.61
C ASN B 260 28.29 -0.06 7.13
N GLU B 261 28.56 -0.02 5.83
CA GLU B 261 29.37 1.01 5.18
C GLU B 261 28.54 2.17 4.68
N ILE B 262 27.22 2.14 4.89
CA ILE B 262 26.37 3.15 4.26
C ILE B 262 26.84 4.58 4.61
N SER B 263 27.15 4.85 5.87
CA SER B 263 27.59 6.22 6.22
C SER B 263 28.92 6.63 5.62
N GLU B 264 29.70 5.71 5.07
CA GLU B 264 30.92 6.08 4.36
C GLU B 264 30.68 6.46 2.89
N LEU B 265 29.46 6.29 2.36
CA LEU B 265 29.21 6.62 0.97
C LEU B 265 29.08 8.13 0.81
N ASP B 266 29.27 8.62 -0.41
CA ASP B 266 29.17 10.04 -0.68
C ASP B 266 27.74 10.36 -1.07
N LEU B 267 26.90 10.44 -0.06
CA LEU B 267 25.47 10.54 -0.26
C LEU B 267 25.02 11.95 -0.54
N ASP B 268 25.86 12.95 -0.31
CA ASP B 268 25.44 14.33 -0.49
C ASP B 268 25.77 14.91 -1.86
N HIS B 269 26.26 14.09 -2.76
CA HIS B 269 26.62 14.56 -4.07
C HIS B 269 26.24 13.53 -5.11
N ILE B 270 25.98 13.95 -6.33
CA ILE B 270 25.73 13.04 -7.42
C ILE B 270 27.09 12.50 -7.89
N TYR B 271 27.89 13.31 -8.58
CA TYR B 271 29.27 12.93 -8.89
C TYR B 271 30.19 13.54 -7.85
#